data_2YMA
#
_entry.id   2YMA
#
_cell.length_a   160.800
_cell.length_b   160.800
_cell.length_c   97.660
_cell.angle_alpha   90.00
_cell.angle_beta   90.00
_cell.angle_gamma   120.00
#
_symmetry.space_group_name_H-M   'H 3 2'
#
loop_
_entity.id
_entity.type
_entity.pdbx_description
1 polymer 'PROTEIN OS-9 HOMOLOG'
2 water water
#
_entity_poly.entity_id   1
_entity_poly.type   'polypeptide(L)'
_entity_poly.pdbx_seq_one_letter_code
;GSIGSNSIDLITKYEPIFLGSGIYFLRPFNTDERDKLMVTDNAMSNWDEITETYYQKFGNAINKMLSLRLVSLPNGHILQ
PGDSCVWLAEVVDMKDRFQTTLSLNILNSQRAEIFFNKTFTFNEDNGNFLSYKIGDHGESTELGQITHSNKADINTAEIR
S
;
_entity_poly.pdbx_strand_id   A,B
#
# COMPACT_ATOMS: atom_id res chain seq x y z
N SER A 2 -24.85 -30.00 33.54
CA SER A 2 -23.62 -29.22 33.49
C SER A 2 -22.77 -29.48 34.73
N ILE A 3 -23.17 -30.51 35.49
CA ILE A 3 -22.52 -30.90 36.74
C ILE A 3 -20.99 -30.85 36.66
N GLY A 4 -20.37 -30.32 37.73
CA GLY A 4 -18.93 -30.24 37.81
C GLY A 4 -18.33 -28.86 37.54
N SER A 5 -17.24 -28.84 36.78
CA SER A 5 -16.51 -27.60 36.51
C SER A 5 -17.21 -26.70 35.48
N ASN A 6 -16.89 -25.41 35.53
CA ASN A 6 -17.43 -24.40 34.61
C ASN A 6 -16.39 -23.94 33.61
N SER A 7 -16.84 -23.70 32.38
CA SER A 7 -15.94 -23.26 31.30
C SER A 7 -15.78 -21.76 31.33
N ILE A 8 -14.54 -21.28 31.27
CA ILE A 8 -14.29 -19.86 31.15
C ILE A 8 -13.50 -19.57 29.90
N ASP A 9 -13.80 -18.43 29.28
CA ASP A 9 -13.08 -18.04 28.10
C ASP A 9 -11.86 -17.24 28.48
N LEU A 10 -10.71 -17.63 27.94
CA LEU A 10 -9.49 -16.88 28.12
C LEU A 10 -9.37 -15.79 27.07
N ILE A 11 -8.59 -14.76 27.39
CA ILE A 11 -8.42 -13.64 26.50
C ILE A 11 -7.39 -13.90 25.41
N THR A 12 -7.81 -13.75 24.15
CA THR A 12 -6.97 -14.03 22.99
C THR A 12 -6.41 -12.74 22.40
N LYS A 13 -5.34 -12.86 21.61
CA LYS A 13 -4.76 -11.71 20.93
C LYS A 13 -5.72 -11.15 19.90
N TYR A 14 -6.34 -12.05 19.14
CA TYR A 14 -7.20 -11.66 18.02
C TYR A 14 -8.58 -12.24 18.19
N GLU A 15 -9.60 -11.43 17.90
CA GLU A 15 -10.97 -11.90 17.81
C GLU A 15 -11.34 -12.14 16.34
N PRO A 16 -11.69 -13.40 15.99
CA PRO A 16 -12.02 -13.75 14.61
C PRO A 16 -13.48 -13.46 14.29
N ILE A 17 -13.73 -12.80 13.18
CA ILE A 17 -15.09 -12.51 12.72
C ILE A 17 -15.24 -13.09 11.32
N PHE A 18 -16.23 -13.96 11.17
CA PHE A 18 -16.48 -14.67 9.92
C PHE A 18 -16.99 -13.76 8.79
N LEU A 19 -16.22 -13.71 7.70
CA LEU A 19 -16.62 -12.93 6.52
C LEU A 19 -17.28 -13.81 5.48
N GLY A 20 -17.26 -15.11 5.74
CA GLY A 20 -17.80 -16.08 4.79
C GLY A 20 -16.74 -16.57 3.84
N SER A 21 -17.12 -17.57 3.03
CA SER A 21 -16.25 -18.17 2.03
C SER A 21 -14.94 -18.70 2.64
N GLY A 22 -15.01 -19.19 3.87
CA GLY A 22 -13.82 -19.66 4.57
C GLY A 22 -12.80 -18.59 4.93
N ILE A 23 -13.25 -17.34 5.04
CA ILE A 23 -12.34 -16.22 5.33
C ILE A 23 -12.76 -15.54 6.63
N TYR A 24 -11.78 -15.22 7.48
CA TYR A 24 -12.06 -14.53 8.72
C TYR A 24 -11.32 -13.22 8.89
N PHE A 25 -12.04 -12.22 9.38
CA PHE A 25 -11.40 -10.97 9.79
C PHE A 25 -10.81 -11.19 11.19
N LEU A 26 -9.51 -10.97 11.33
CA LEU A 26 -8.87 -11.09 12.63
C LEU A 26 -8.64 -9.72 13.23
N ARG A 27 -9.39 -9.41 14.28
CA ARG A 27 -9.23 -8.13 14.92
C ARG A 27 -8.47 -8.27 16.21
N PRO A 28 -7.29 -7.66 16.28
CA PRO A 28 -6.47 -7.72 17.48
C PRO A 28 -7.17 -7.03 18.66
N PHE A 29 -7.12 -7.65 19.85
CA PHE A 29 -7.69 -7.04 21.05
C PHE A 29 -6.91 -5.75 21.38
N ASN A 30 -5.61 -5.76 21.10
CA ASN A 30 -4.77 -4.55 21.20
C ASN A 30 -5.04 -3.55 20.06
N THR A 31 -5.75 -2.46 20.35
CA THR A 31 -6.16 -1.51 19.32
C THR A 31 -5.01 -0.86 18.55
N ASP A 32 -3.78 -1.13 18.98
CA ASP A 32 -2.61 -0.48 18.38
C ASP A 32 -2.02 -1.26 17.20
N GLU A 33 -2.33 -2.55 17.14
CA GLU A 33 -1.86 -3.43 16.07
C GLU A 33 -2.89 -3.61 14.96
N ARG A 34 -2.46 -4.20 13.84
CA ARG A 34 -3.30 -4.18 12.64
C ARG A 34 -4.15 -5.42 12.41
N ASP A 35 -5.24 -5.21 11.68
CA ASP A 35 -6.15 -6.27 11.32
C ASP A 35 -5.45 -7.22 10.35
N LYS A 36 -5.78 -8.51 10.44
CA LYS A 36 -5.28 -9.55 9.53
C LYS A 36 -6.48 -10.25 8.93
N LEU A 37 -6.23 -11.08 7.92
CA LEU A 37 -7.25 -11.97 7.38
C LEU A 37 -6.78 -13.42 7.48
N MET A 38 -7.71 -14.32 7.77
CA MET A 38 -7.36 -15.74 7.89
C MET A 38 -8.18 -16.64 6.99
N VAL A 39 -7.49 -17.42 6.18
CA VAL A 39 -8.15 -18.33 5.25
C VAL A 39 -8.19 -19.72 5.88
N THR A 40 -9.39 -20.31 5.92
CA THR A 40 -9.57 -21.65 6.49
C THR A 40 -10.02 -22.64 5.40
N ASP A 41 -10.29 -22.11 4.21
CA ASP A 41 -10.77 -22.90 3.08
C ASP A 41 -9.64 -23.73 2.47
N ASN A 42 -9.82 -25.04 2.38
CA ASN A 42 -8.83 -25.94 1.78
C ASN A 42 -8.64 -25.76 0.27
N ALA A 43 -9.63 -25.14 -0.36
CA ALA A 43 -9.54 -24.86 -1.79
C ALA A 43 -8.74 -23.58 -2.05
N MET A 44 -8.24 -22.96 -0.99
CA MET A 44 -7.39 -21.77 -1.08
C MET A 44 -6.13 -21.96 -0.25
N SER A 45 -5.56 -23.15 -0.32
CA SER A 45 -4.38 -23.50 0.49
C SER A 45 -3.09 -23.21 -0.26
N ASN A 46 -3.15 -23.27 -1.59
CA ASN A 46 -1.98 -23.12 -2.45
C ASN A 46 -1.96 -21.78 -3.17
N TRP A 47 -1.09 -20.89 -2.71
CA TRP A 47 -1.08 -19.51 -3.21
C TRP A 47 -0.17 -19.25 -4.41
N ASP A 48 0.28 -20.33 -5.04
CA ASP A 48 0.96 -20.22 -6.32
C ASP A 48 -0.08 -20.19 -7.42
N GLU A 49 -0.85 -21.28 -7.51
CA GLU A 49 -1.98 -21.35 -8.43
C GLU A 49 -3.20 -20.60 -7.88
N ILE A 50 -3.18 -19.27 -8.00
CA ILE A 50 -4.32 -18.43 -7.64
C ILE A 50 -5.32 -18.34 -8.79
N THR A 51 -6.49 -18.94 -8.62
CA THR A 51 -7.50 -18.94 -9.68
C THR A 51 -8.54 -17.85 -9.46
N GLU A 52 -9.43 -17.67 -10.44
CA GLU A 52 -10.47 -16.65 -10.31
C GLU A 52 -11.36 -16.81 -9.09
N THR A 53 -11.56 -18.04 -8.61
CA THR A 53 -12.41 -18.22 -7.43
C THR A 53 -11.80 -17.66 -6.14
N TYR A 54 -10.47 -17.57 -6.08
CA TYR A 54 -9.81 -16.84 -5.00
C TYR A 54 -10.32 -15.39 -4.97
N TYR A 55 -10.33 -14.75 -6.13
CA TYR A 55 -10.83 -13.38 -6.23
C TYR A 55 -12.31 -13.27 -5.93
N GLN A 56 -13.07 -14.25 -6.40
CA GLN A 56 -14.52 -14.24 -6.22
C GLN A 56 -14.92 -14.42 -4.74
N LYS A 57 -14.20 -15.29 -4.02
CA LYS A 57 -14.46 -15.47 -2.60
C LYS A 57 -14.02 -14.26 -1.79
N PHE A 58 -12.85 -13.73 -2.08
CA PHE A 58 -12.36 -12.56 -1.37
C PHE A 58 -13.22 -11.34 -1.66
N GLY A 59 -13.69 -11.21 -2.89
CA GLY A 59 -14.65 -10.17 -3.21
C GLY A 59 -15.82 -10.18 -2.23
N ASN A 60 -16.40 -11.36 -1.99
CA ASN A 60 -17.54 -11.49 -1.09
C ASN A 60 -17.18 -11.13 0.35
N ALA A 61 -16.04 -11.64 0.81
CA ALA A 61 -15.58 -11.36 2.17
C ALA A 61 -15.35 -9.87 2.39
N ILE A 62 -14.80 -9.19 1.39
CA ILE A 62 -14.52 -7.76 1.47
C ILE A 62 -15.81 -6.98 1.59
N ASN A 63 -16.78 -7.30 0.74
CA ASN A 63 -18.09 -6.67 0.83
C ASN A 63 -18.73 -6.84 2.20
N LYS A 64 -18.59 -8.03 2.77
CA LYS A 64 -19.13 -8.28 4.11
C LYS A 64 -18.38 -7.44 5.15
N MET A 65 -17.07 -7.43 5.05
CA MET A 65 -16.22 -6.63 5.94
C MET A 65 -16.70 -5.18 5.93
N LEU A 66 -16.95 -4.66 4.73
CA LEU A 66 -17.44 -3.30 4.57
C LEU A 66 -18.85 -3.07 5.14
N SER A 67 -19.76 -4.01 4.88
CA SER A 67 -21.12 -3.99 5.43
C SER A 67 -21.11 -3.92 6.94
N LEU A 68 -20.18 -4.67 7.53
CA LEU A 68 -20.04 -4.73 8.97
C LEU A 68 -19.44 -3.45 9.54
N ARG A 69 -18.89 -2.60 8.66
CA ARG A 69 -18.20 -1.37 9.09
C ARG A 69 -17.04 -1.66 10.05
N LEU A 70 -16.30 -2.72 9.78
CA LEU A 70 -15.20 -3.13 10.65
C LEU A 70 -13.97 -2.24 10.55
N VAL A 71 -13.79 -1.56 9.42
CA VAL A 71 -12.57 -0.78 9.28
C VAL A 71 -12.80 0.72 9.34
N SER A 72 -11.90 1.38 10.05
CA SER A 72 -11.95 2.81 10.16
C SER A 72 -10.62 3.43 9.70
N LEU A 73 -10.71 4.63 9.15
CA LEU A 73 -9.57 5.40 8.70
C LEU A 73 -8.66 5.79 9.85
N PRO A 74 -7.45 6.22 9.54
CA PRO A 74 -6.49 6.60 10.57
C PRO A 74 -6.97 7.82 11.36
N ASN A 75 -7.87 8.62 10.82
CA ASN A 75 -8.47 9.69 11.59
C ASN A 75 -9.51 9.20 12.63
N GLY A 76 -9.79 7.90 12.63
CA GLY A 76 -10.76 7.37 13.57
C GLY A 76 -12.17 7.28 12.99
N HIS A 77 -12.36 7.88 11.81
CA HIS A 77 -13.66 7.82 11.13
C HIS A 77 -13.87 6.48 10.43
N ILE A 78 -15.06 5.93 10.60
CA ILE A 78 -15.47 4.70 9.92
C ILE A 78 -15.42 4.88 8.40
N LEU A 79 -14.86 3.91 7.71
CA LEU A 79 -14.84 3.90 6.25
C LEU A 79 -16.25 3.87 5.70
N GLN A 80 -16.68 4.98 5.11
CA GLN A 80 -18.03 5.10 4.58
C GLN A 80 -18.01 5.16 3.06
N PRO A 81 -19.07 4.65 2.41
CA PRO A 81 -19.22 4.75 0.95
C PRO A 81 -18.94 6.16 0.47
N GLY A 82 -18.32 6.29 -0.70
CA GLY A 82 -17.88 7.59 -1.19
C GLY A 82 -16.40 7.78 -0.94
N ASP A 83 -15.90 7.15 0.11
CA ASP A 83 -14.47 7.17 0.41
C ASP A 83 -13.69 6.28 -0.56
N SER A 84 -12.39 6.52 -0.67
CA SER A 84 -11.50 5.71 -1.49
C SER A 84 -10.20 5.51 -0.73
N CYS A 85 -9.49 4.43 -0.99
CA CYS A 85 -8.33 4.10 -0.17
C CYS A 85 -7.48 3.00 -0.77
N VAL A 86 -6.30 2.81 -0.18
CA VAL A 86 -5.51 1.62 -0.39
C VAL A 86 -5.29 0.98 0.98
N TRP A 87 -5.86 -0.21 1.15
CA TRP A 87 -5.88 -0.89 2.43
C TRP A 87 -5.17 -2.23 2.27
N LEU A 88 -4.29 -2.57 3.20
CA LEU A 88 -3.47 -3.78 3.07
C LEU A 88 -3.59 -4.64 4.31
N ALA A 89 -3.49 -5.94 4.13
CA ALA A 89 -3.52 -6.87 5.25
C ALA A 89 -2.81 -8.16 4.90
N GLU A 90 -2.09 -8.72 5.87
CA GLU A 90 -1.52 -10.05 5.73
C GLU A 90 -2.66 -11.06 5.68
N VAL A 91 -2.51 -12.03 4.80
CA VAL A 91 -3.41 -13.18 4.78
C VAL A 91 -2.64 -14.35 5.37
N VAL A 92 -3.12 -14.88 6.49
CA VAL A 92 -2.48 -16.03 7.12
C VAL A 92 -3.41 -17.23 7.10
N ASP A 93 -2.85 -18.42 7.31
CA ASP A 93 -3.66 -19.63 7.50
C ASP A 93 -3.95 -19.88 8.98
N MET A 94 -4.52 -21.05 9.27
CA MET A 94 -4.97 -21.36 10.62
C MET A 94 -3.83 -21.58 11.61
N LYS A 95 -2.61 -21.72 11.10
CA LYS A 95 -1.44 -21.81 11.96
C LYS A 95 -0.63 -20.51 11.91
N ASP A 96 -1.33 -19.42 11.57
CA ASP A 96 -0.76 -18.08 11.51
C ASP A 96 0.48 -17.93 10.63
N ARG A 97 0.53 -18.72 9.55
CA ARG A 97 1.62 -18.61 8.61
C ARG A 97 1.23 -17.71 7.45
N PHE A 98 2.14 -16.82 7.07
CA PHE A 98 1.92 -15.86 5.98
C PHE A 98 1.68 -16.56 4.64
N GLN A 99 0.63 -16.15 3.94
CA GLN A 99 0.28 -16.74 2.63
C GLN A 99 0.48 -15.71 1.53
N THR A 100 0.04 -14.48 1.77
CA THR A 100 0.14 -13.40 0.81
C THR A 100 -0.30 -12.11 1.47
N THR A 101 -0.06 -11.00 0.79
CA THR A 101 -0.58 -9.72 1.24
C THR A 101 -1.75 -9.36 0.34
N LEU A 102 -2.87 -8.97 0.95
CA LEU A 102 -4.03 -8.52 0.21
C LEU A 102 -3.97 -7.01 0.06
N SER A 103 -4.06 -6.56 -1.18
CA SER A 103 -4.18 -5.15 -1.46
C SER A 103 -5.60 -4.85 -1.91
N LEU A 104 -6.27 -3.94 -1.20
CA LEU A 104 -7.64 -3.54 -1.53
C LEU A 104 -7.65 -2.07 -1.92
N ASN A 105 -8.04 -1.80 -3.16
CA ASN A 105 -7.99 -0.45 -3.68
C ASN A 105 -9.38 0.01 -3.99
N ILE A 106 -9.97 0.74 -3.06
CA ILE A 106 -11.31 1.23 -3.26
C ILE A 106 -11.26 2.52 -4.04
N LEU A 107 -11.95 2.51 -5.18
CA LEU A 107 -11.83 3.59 -6.14
C LEU A 107 -12.97 4.59 -5.96
N ASN A 108 -14.14 4.06 -5.64
CA ASN A 108 -15.34 4.84 -5.37
C ASN A 108 -16.36 3.92 -4.71
N SER A 109 -17.59 4.41 -4.51
CA SER A 109 -18.61 3.63 -3.83
C SER A 109 -19.06 2.36 -4.58
N GLN A 110 -18.64 2.23 -5.83
CA GLN A 110 -19.11 1.13 -6.69
C GLN A 110 -18.06 0.06 -7.03
N ARG A 111 -16.78 0.43 -7.09
CA ARG A 111 -15.74 -0.49 -7.55
C ARG A 111 -14.45 -0.51 -6.73
N ALA A 112 -13.94 -1.71 -6.50
CA ALA A 112 -12.64 -1.90 -5.87
C ALA A 112 -11.78 -2.83 -6.73
N GLU A 113 -10.46 -2.73 -6.57
CA GLU A 113 -9.54 -3.69 -7.16
C GLU A 113 -8.85 -4.44 -6.03
N ILE A 114 -8.80 -5.76 -6.10
CA ILE A 114 -8.00 -6.51 -5.14
C ILE A 114 -6.83 -7.21 -5.84
N PHE A 115 -5.71 -7.30 -5.11
CA PHE A 115 -4.49 -7.83 -5.68
C PHE A 115 -3.83 -8.64 -4.59
N PHE A 116 -3.34 -9.81 -4.96
CA PHE A 116 -2.59 -10.63 -4.03
C PHE A 116 -1.10 -10.48 -4.31
N ASN A 117 -0.35 -10.06 -3.30
CA ASN A 117 1.06 -9.79 -3.45
C ASN A 117 1.87 -10.67 -2.51
N LYS A 118 2.38 -11.78 -3.04
CA LYS A 118 3.00 -12.82 -2.21
C LYS A 118 4.34 -12.36 -1.64
N THR A 119 4.92 -11.32 -2.23
CA THR A 119 6.27 -10.91 -1.85
C THR A 119 6.32 -9.60 -1.07
N PHE A 120 5.19 -8.93 -0.95
CA PHE A 120 5.15 -7.72 -0.15
C PHE A 120 5.07 -8.00 1.35
N THR A 121 6.14 -7.68 2.06
CA THR A 121 6.21 -7.91 3.48
C THR A 121 5.94 -6.61 4.23
N PHE A 122 5.19 -6.72 5.32
CA PHE A 122 4.90 -5.60 6.20
C PHE A 122 6.04 -5.31 7.15
N ASN A 123 6.26 -4.02 7.41
CA ASN A 123 7.09 -3.61 8.52
C ASN A 123 6.26 -3.63 9.81
N GLU A 124 6.93 -3.93 10.93
CA GLU A 124 6.24 -4.11 12.20
C GLU A 124 5.34 -2.93 12.54
N ASP A 125 5.78 -1.72 12.21
CA ASP A 125 5.08 -0.51 12.61
C ASP A 125 4.07 0.04 11.59
N ASN A 126 3.84 -0.67 10.49
CA ASN A 126 2.79 -0.24 9.56
C ASN A 126 1.37 -0.54 10.07
N GLY A 127 0.47 0.40 9.81
CA GLY A 127 -0.94 0.11 9.90
C GLY A 127 -1.44 -0.56 8.63
N ASN A 128 -2.75 -0.62 8.48
CA ASN A 128 -3.40 -1.23 7.33
C ASN A 128 -3.54 -0.28 6.14
N PHE A 129 -3.54 1.03 6.40
CA PHE A 129 -3.72 1.99 5.31
C PHE A 129 -2.41 2.53 4.79
N LEU A 130 -2.26 2.46 3.47
CA LEU A 130 -1.17 3.13 2.79
C LEU A 130 -1.63 4.56 2.47
N SER A 131 -2.89 4.68 2.05
CA SER A 131 -3.45 5.97 1.68
C SER A 131 -4.97 5.94 1.75
N TYR A 132 -5.58 7.13 1.79
CA TYR A 132 -7.03 7.25 1.78
C TYR A 132 -7.47 8.63 1.34
N LYS A 133 -8.76 8.77 1.04
CA LYS A 133 -9.31 10.02 0.58
C LYS A 133 -10.78 10.09 0.97
N ILE A 134 -11.11 11.00 1.90
CA ILE A 134 -12.47 11.12 2.39
C ILE A 134 -13.32 11.87 1.37
N GLY A 135 -14.34 11.19 0.85
CA GLY A 135 -15.14 11.75 -0.23
C GLY A 135 -16.50 12.30 0.20
N ASP A 136 -17.43 12.34 -0.75
CA ASP A 136 -18.78 12.82 -0.47
C ASP A 136 -19.52 11.87 0.48
N ILE B 3 20.24 22.85 2.11
CA ILE B 3 21.19 21.82 1.69
C ILE B 3 21.80 22.15 0.32
N GLY B 4 23.13 22.19 0.26
CA GLY B 4 23.83 22.58 -0.94
C GLY B 4 24.22 21.41 -1.84
N SER B 5 24.57 20.28 -1.23
CA SER B 5 25.05 19.13 -1.98
C SER B 5 24.51 17.79 -1.47
N ASN B 6 24.56 16.78 -2.33
CA ASN B 6 24.08 15.42 -2.00
C ASN B 6 25.03 14.62 -1.11
N SER B 7 24.45 13.73 -0.30
CA SER B 7 25.22 12.73 0.42
C SER B 7 25.98 11.95 -0.63
N ILE B 8 27.19 11.50 -0.29
CA ILE B 8 28.01 10.77 -1.26
C ILE B 8 27.46 9.37 -1.47
N ASP B 9 27.08 8.73 -0.38
CA ASP B 9 26.51 7.39 -0.46
C ASP B 9 25.29 7.36 -1.39
N LEU B 10 24.59 8.48 -1.46
CA LEU B 10 23.42 8.60 -2.33
C LEU B 10 23.80 8.62 -3.81
N ILE B 11 24.82 9.40 -4.15
CA ILE B 11 25.23 9.59 -5.54
C ILE B 11 26.03 8.39 -6.11
N THR B 12 26.53 7.52 -5.23
CA THR B 12 27.19 6.28 -5.65
C THR B 12 26.19 5.15 -5.88
N LYS B 13 24.99 5.30 -5.35
CA LYS B 13 24.01 4.21 -5.37
C LYS B 13 22.93 4.45 -6.43
N TYR B 14 22.66 5.72 -6.74
CA TYR B 14 21.60 6.05 -7.68
C TYR B 14 22.06 7.01 -8.76
N GLU B 15 21.46 6.87 -9.94
CA GLU B 15 21.54 7.87 -10.99
C GLU B 15 20.31 8.80 -10.85
N PRO B 16 20.55 10.09 -10.49
CA PRO B 16 19.43 11.05 -10.43
C PRO B 16 18.99 11.44 -11.83
N ILE B 17 17.67 11.47 -12.05
CA ILE B 17 17.10 11.93 -13.31
C ILE B 17 16.09 13.04 -13.03
N PHE B 18 16.35 14.22 -13.58
CA PHE B 18 15.54 15.40 -13.28
C PHE B 18 14.09 15.21 -13.72
N LEU B 19 13.16 15.43 -12.80
CA LEU B 19 11.75 15.42 -13.17
C LEU B 19 11.25 16.84 -13.21
N GLY B 20 12.06 17.76 -12.70
CA GLY B 20 11.69 19.16 -12.66
C GLY B 20 11.16 19.47 -11.28
N SER B 21 10.93 20.75 -11.00
CA SER B 21 10.33 21.18 -9.74
C SER B 21 11.19 20.82 -8.52
N GLY B 22 12.52 20.85 -8.67
CA GLY B 22 13.42 20.36 -7.62
C GLY B 22 13.11 18.92 -7.17
N ILE B 23 12.69 18.09 -8.11
CA ILE B 23 12.37 16.69 -7.83
C ILE B 23 13.16 15.76 -8.77
N TYR B 24 13.87 14.80 -8.19
CA TYR B 24 14.63 13.86 -8.99
C TYR B 24 14.17 12.44 -8.81
N PHE B 25 14.09 11.73 -9.93
CA PHE B 25 13.99 10.28 -9.92
C PHE B 25 15.36 9.67 -9.61
N LEU B 26 15.43 8.87 -8.57
CA LEU B 26 16.65 8.18 -8.21
C LEU B 26 16.59 6.73 -8.71
N ARG B 27 17.28 6.44 -9.81
CA ARG B 27 17.29 5.10 -10.35
C ARG B 27 18.55 4.35 -9.95
N PRO B 28 18.42 3.30 -9.11
CA PRO B 28 19.60 2.59 -8.60
C PRO B 28 20.37 1.91 -9.72
N PHE B 29 21.70 1.83 -9.58
CA PHE B 29 22.49 1.12 -10.58
C PHE B 29 22.24 -0.37 -10.41
N ASN B 30 22.21 -0.81 -9.16
CA ASN B 30 21.87 -2.19 -8.88
C ASN B 30 20.46 -2.52 -9.31
N THR B 31 20.41 -3.46 -10.25
CA THR B 31 19.20 -4.02 -10.82
C THR B 31 18.16 -4.38 -9.76
N ASP B 32 18.60 -4.97 -8.65
CA ASP B 32 17.68 -5.47 -7.64
C ASP B 32 17.22 -4.46 -6.56
N GLU B 33 17.38 -3.17 -6.81
CA GLU B 33 16.92 -2.19 -5.82
C GLU B 33 15.74 -1.40 -6.33
N ARG B 34 15.01 -0.77 -5.42
CA ARG B 34 13.88 0.05 -5.83
C ARG B 34 14.23 1.52 -6.07
N ASP B 35 13.42 2.16 -6.90
CA ASP B 35 13.51 3.55 -7.20
C ASP B 35 13.15 4.38 -5.98
N LYS B 36 13.79 5.54 -5.83
CA LYS B 36 13.41 6.53 -4.80
C LYS B 36 13.10 7.82 -5.51
N LEU B 37 12.65 8.80 -4.74
CA LEU B 37 12.49 10.16 -5.23
C LEU B 37 13.29 11.08 -4.32
N MET B 38 13.90 12.11 -4.88
CA MET B 38 14.63 13.09 -4.08
C MET B 38 14.08 14.48 -4.31
N VAL B 39 13.83 15.17 -3.21
CA VAL B 39 13.41 16.57 -3.22
C VAL B 39 14.59 17.50 -2.93
N THR B 40 14.78 18.51 -3.77
CA THR B 40 15.90 19.44 -3.62
C THR B 40 15.41 20.88 -3.38
N ASP B 41 14.11 21.05 -3.54
CA ASP B 41 13.45 22.35 -3.45
C ASP B 41 13.30 22.78 -1.99
N ASN B 42 13.85 23.95 -1.68
CA ASN B 42 13.80 24.46 -0.32
C ASN B 42 12.36 24.70 0.17
N ALA B 43 11.46 24.98 -0.76
CA ALA B 43 10.05 25.24 -0.45
C ALA B 43 9.26 23.96 -0.17
N MET B 44 9.96 22.83 -0.13
CA MET B 44 9.37 21.54 0.21
C MET B 44 10.26 20.82 1.21
N SER B 45 10.78 21.58 2.18
CA SER B 45 11.70 21.04 3.18
C SER B 45 10.96 20.56 4.42
N ASN B 46 9.79 21.12 4.66
CA ASN B 46 9.01 20.84 5.86
C ASN B 46 7.77 20.01 5.56
N TRP B 47 7.82 18.73 5.93
CA TRP B 47 6.76 17.79 5.55
C TRP B 47 5.62 17.65 6.55
N ASP B 48 5.56 18.57 7.50
CA ASP B 48 4.40 18.69 8.37
C ASP B 48 3.37 19.56 7.66
N GLU B 49 3.76 20.79 7.37
CA GLU B 49 2.91 21.73 6.63
C GLU B 49 2.97 21.47 5.13
N ILE B 50 2.30 20.41 4.69
CA ILE B 50 2.20 20.08 3.26
C ILE B 50 1.10 20.91 2.61
N THR B 51 1.49 21.77 1.68
CA THR B 51 0.52 22.64 0.99
C THR B 51 0.19 22.14 -0.42
N GLU B 52 -0.76 22.83 -1.06
CA GLU B 52 -1.25 22.45 -2.39
C GLU B 52 -0.14 22.46 -3.44
N THR B 53 0.86 23.32 -3.28
CA THR B 53 1.95 23.33 -4.25
C THR B 53 2.85 22.09 -4.15
N TYR B 54 2.90 21.44 -2.98
CA TYR B 54 3.57 20.15 -2.88
C TYR B 54 2.94 19.19 -3.88
N TYR B 55 1.61 19.17 -3.90
CA TYR B 55 0.84 18.31 -4.81
C TYR B 55 0.98 18.74 -6.28
N GLN B 56 1.07 20.04 -6.50
CA GLN B 56 1.16 20.55 -7.87
C GLN B 56 2.52 20.25 -8.49
N LYS B 57 3.59 20.45 -7.73
CA LYS B 57 4.92 20.12 -8.23
C LYS B 57 5.09 18.60 -8.43
N PHE B 58 4.63 17.81 -7.47
CA PHE B 58 4.76 16.35 -7.59
C PHE B 58 3.92 15.82 -8.74
N GLY B 59 2.74 16.40 -8.92
CA GLY B 59 1.93 16.10 -10.09
C GLY B 59 2.75 16.20 -11.37
N ASN B 60 3.42 17.34 -11.55
CA ASN B 60 4.25 17.57 -12.74
C ASN B 60 5.37 16.55 -12.84
N ALA B 61 6.09 16.36 -11.75
CA ALA B 61 7.19 15.40 -11.71
C ALA B 61 6.70 14.00 -12.08
N ILE B 62 5.56 13.59 -11.56
CA ILE B 62 5.03 12.26 -11.89
C ILE B 62 4.75 12.14 -13.39
N ASN B 63 4.09 13.15 -13.95
CA ASN B 63 3.83 13.17 -15.38
C ASN B 63 5.10 13.03 -16.21
N LYS B 64 6.15 13.76 -15.84
CA LYS B 64 7.41 13.68 -16.56
C LYS B 64 8.01 12.29 -16.42
N MET B 65 7.97 11.76 -15.21
CA MET B 65 8.43 10.41 -14.92
C MET B 65 7.75 9.41 -15.86
N LEU B 66 6.46 9.60 -16.09
CA LEU B 66 5.70 8.70 -16.96
C LEU B 66 6.04 8.91 -18.43
N SER B 67 6.22 10.17 -18.83
CA SER B 67 6.61 10.52 -20.19
C SER B 67 7.95 9.91 -20.55
N LEU B 68 8.85 9.92 -19.58
CA LEU B 68 10.18 9.36 -19.77
C LEU B 68 10.15 7.83 -19.76
N ARG B 69 9.02 7.25 -19.36
CA ARG B 69 8.89 5.79 -19.35
C ARG B 69 9.93 5.13 -18.41
N LEU B 70 10.19 5.77 -17.27
CA LEU B 70 11.21 5.30 -16.34
C LEU B 70 10.80 4.10 -15.49
N VAL B 71 9.50 3.92 -15.34
CA VAL B 71 8.97 2.92 -14.45
C VAL B 71 8.48 1.70 -15.23
N SER B 72 8.96 0.54 -14.83
CA SER B 72 8.52 -0.71 -15.45
C SER B 72 8.08 -1.72 -14.40
N LEU B 73 7.02 -2.45 -14.72
CA LEU B 73 6.54 -3.55 -13.90
C LEU B 73 7.65 -4.59 -13.71
N PRO B 74 7.39 -5.58 -12.84
CA PRO B 74 8.31 -6.71 -12.63
C PRO B 74 8.57 -7.48 -13.92
N ASN B 75 7.48 -7.86 -14.59
CA ASN B 75 7.57 -8.60 -15.85
C ASN B 75 8.35 -7.87 -16.93
N GLY B 76 8.86 -6.68 -16.61
CA GLY B 76 9.62 -5.90 -17.57
C GLY B 76 8.74 -5.03 -18.45
N HIS B 77 7.43 -5.22 -18.37
CA HIS B 77 6.49 -4.37 -19.08
C HIS B 77 6.67 -2.92 -18.64
N ILE B 78 6.92 -2.05 -19.61
CA ILE B 78 7.00 -0.63 -19.30
C ILE B 78 5.58 -0.15 -19.04
N LEU B 79 5.43 0.62 -17.97
CA LEU B 79 4.13 1.16 -17.59
C LEU B 79 3.60 2.07 -18.70
N GLN B 80 2.58 1.60 -19.41
CA GLN B 80 1.99 2.32 -20.52
C GLN B 80 0.58 2.79 -20.16
N PRO B 81 0.11 3.87 -20.80
CA PRO B 81 -1.25 4.38 -20.67
C PRO B 81 -2.30 3.28 -20.83
N GLY B 82 -3.37 3.36 -20.05
CA GLY B 82 -4.38 2.32 -20.01
C GLY B 82 -4.17 1.43 -18.81
N ASP B 83 -2.93 1.38 -18.34
CA ASP B 83 -2.59 0.63 -17.14
C ASP B 83 -3.04 1.38 -15.90
N SER B 84 -3.21 0.65 -14.80
CA SER B 84 -3.54 1.22 -13.51
C SER B 84 -2.65 0.55 -12.48
N CYS B 85 -2.49 1.15 -11.31
CA CYS B 85 -1.56 0.57 -10.34
C CYS B 85 -1.53 1.31 -9.02
N VAL B 86 -0.83 0.71 -8.06
CA VAL B 86 -0.44 1.38 -6.82
C VAL B 86 1.06 1.27 -6.70
N TRP B 87 1.74 2.41 -6.85
CA TRP B 87 3.20 2.49 -6.88
C TRP B 87 3.64 3.34 -5.70
N LEU B 88 4.67 2.90 -4.99
CA LEU B 88 5.18 3.58 -3.80
C LEU B 88 6.66 3.83 -3.89
N ALA B 89 7.12 4.90 -3.24
CA ALA B 89 8.55 5.23 -3.17
C ALA B 89 8.87 6.13 -1.99
N GLU B 90 10.04 5.92 -1.41
CA GLU B 90 10.48 6.84 -0.37
C GLU B 90 10.83 8.16 -1.03
N VAL B 91 10.48 9.25 -0.36
CA VAL B 91 10.94 10.55 -0.78
C VAL B 91 12.03 10.95 0.23
N VAL B 92 13.26 11.12 -0.26
CA VAL B 92 14.35 11.57 0.61
C VAL B 92 14.83 12.97 0.24
N ASP B 93 15.59 13.59 1.13
CA ASP B 93 16.27 14.84 0.80
C ASP B 93 17.66 14.57 0.23
N MET B 94 18.43 15.63 0.02
CA MET B 94 19.76 15.52 -0.57
C MET B 94 20.77 14.81 0.33
N LYS B 95 20.46 14.68 1.61
CA LYS B 95 21.33 13.95 2.53
C LYS B 95 20.79 12.52 2.74
N ASP B 96 19.88 12.11 1.86
CA ASP B 96 19.25 10.80 1.91
C ASP B 96 18.42 10.51 3.17
N ARG B 97 17.78 11.54 3.70
CA ARG B 97 16.91 11.37 4.87
C ARG B 97 15.44 11.29 4.50
N PHE B 98 14.78 10.24 5.01
CA PHE B 98 13.36 10.01 4.77
C PHE B 98 12.53 11.25 5.04
N GLN B 99 11.76 11.70 4.06
CA GLN B 99 10.84 12.79 4.28
C GLN B 99 9.45 12.21 4.45
N THR B 100 9.01 11.45 3.45
CA THR B 100 7.69 10.86 3.46
C THR B 100 7.70 9.71 2.47
N THR B 101 6.65 8.89 2.51
CA THR B 101 6.46 7.86 1.52
C THR B 101 5.42 8.34 0.54
N LEU B 102 5.75 8.29 -0.75
CA LEU B 102 4.80 8.71 -1.76
C LEU B 102 3.99 7.50 -2.22
N SER B 103 2.66 7.61 -2.16
CA SER B 103 1.78 6.60 -2.74
C SER B 103 1.19 7.20 -4.02
N LEU B 104 1.30 6.46 -5.12
CA LEU B 104 0.79 6.91 -6.41
C LEU B 104 -0.24 5.90 -6.90
N ASN B 105 -1.49 6.34 -6.97
CA ASN B 105 -2.58 5.50 -7.44
C ASN B 105 -3.03 5.97 -8.82
N ILE B 106 -2.67 5.21 -9.86
CA ILE B 106 -3.12 5.51 -11.21
C ILE B 106 -4.39 4.73 -11.53
N LEU B 107 -5.44 5.47 -11.86
CA LEU B 107 -6.76 4.87 -12.08
C LEU B 107 -6.97 4.54 -13.54
N ASN B 108 -6.48 5.40 -14.42
CA ASN B 108 -6.68 5.23 -15.86
C ASN B 108 -5.85 6.21 -16.69
N SER B 109 -6.23 6.36 -17.95
CA SER B 109 -5.46 7.18 -18.88
C SER B 109 -5.52 8.66 -18.57
N GLN B 110 -6.27 9.03 -17.54
CA GLN B 110 -6.47 10.44 -17.22
C GLN B 110 -6.04 10.83 -15.79
N ARG B 111 -6.65 10.19 -14.80
CA ARG B 111 -6.50 10.61 -13.41
C ARG B 111 -5.65 9.69 -12.53
N ALA B 112 -4.74 10.30 -11.77
CA ALA B 112 -4.00 9.61 -10.71
C ALA B 112 -4.25 10.35 -9.40
N GLU B 113 -4.11 9.63 -8.29
CA GLU B 113 -4.16 10.24 -6.98
C GLU B 113 -2.78 10.09 -6.37
N ILE B 114 -2.26 11.15 -5.77
CA ILE B 114 -1.04 11.01 -4.96
C ILE B 114 -1.30 11.31 -3.49
N PHE B 115 -0.62 10.59 -2.63
CA PHE B 115 -0.88 10.73 -1.19
C PHE B 115 0.49 10.66 -0.55
N PHE B 116 0.73 11.54 0.40
CA PHE B 116 1.99 11.53 1.13
C PHE B 116 1.70 10.91 2.48
N ASN B 117 2.45 9.87 2.80
CA ASN B 117 2.29 9.14 4.03
C ASN B 117 3.59 9.11 4.83
N LYS B 118 3.68 9.99 5.81
CA LYS B 118 4.89 10.25 6.57
C LYS B 118 5.25 9.09 7.50
N THR B 119 4.31 8.19 7.71
CA THR B 119 4.51 7.17 8.73
C THR B 119 4.57 5.78 8.15
N PHE B 120 4.36 5.67 6.84
CA PHE B 120 4.51 4.37 6.21
C PHE B 120 5.97 4.09 5.90
N THR B 121 6.55 3.16 6.65
CA THR B 121 7.91 2.69 6.41
C THR B 121 7.94 1.46 5.50
N PHE B 122 8.88 1.47 4.55
CA PHE B 122 9.14 0.33 3.66
C PHE B 122 9.98 -0.75 4.30
N ASN B 123 9.61 -2.00 4.07
CA ASN B 123 10.47 -3.10 4.42
C ASN B 123 11.57 -3.22 3.37
N GLU B 124 12.72 -3.75 3.80
CA GLU B 124 13.90 -3.79 2.94
C GLU B 124 13.62 -4.51 1.62
N ASP B 125 12.86 -5.61 1.69
CA ASP B 125 12.67 -6.45 0.52
C ASP B 125 11.49 -6.07 -0.39
N ASN B 126 10.89 -4.91 -0.17
CA ASN B 126 9.82 -4.48 -1.04
C ASN B 126 10.30 -3.84 -2.33
N GLY B 127 9.60 -4.12 -3.43
CA GLY B 127 9.69 -3.32 -4.63
C GLY B 127 8.76 -2.11 -4.54
N ASN B 128 8.62 -1.38 -5.63
CA ASN B 128 7.80 -0.16 -5.68
C ASN B 128 6.31 -0.43 -5.87
N PHE B 129 5.97 -1.53 -6.51
CA PHE B 129 4.57 -1.85 -6.77
C PHE B 129 3.90 -2.67 -5.69
N LEU B 130 2.84 -2.12 -5.13
CA LEU B 130 1.97 -2.87 -4.24
C LEU B 130 0.98 -3.67 -5.11
N SER B 131 0.44 -3.02 -6.12
CA SER B 131 -0.44 -3.71 -7.06
C SER B 131 -0.42 -3.08 -8.47
N TYR B 132 -0.90 -3.80 -9.46
CA TYR B 132 -1.02 -3.22 -10.80
C TYR B 132 -2.07 -3.98 -11.61
N LYS B 133 -2.47 -3.38 -12.73
CA LYS B 133 -3.44 -4.00 -13.62
C LYS B 133 -3.12 -3.59 -15.05
N ILE B 134 -2.85 -4.58 -15.89
CA ILE B 134 -2.50 -4.28 -17.29
C ILE B 134 -3.73 -4.25 -18.19
#